data_7KSN
#
_entry.id   7KSN
#
_cell.length_a   227.471
_cell.length_b   227.471
_cell.length_c   227.471
_cell.angle_alpha   90.000
_cell.angle_beta   90.000
_cell.angle_gamma   90.000
#
_symmetry.space_group_name_H-M   'F 41 3 2'
#
loop_
_entity.id
_entity.type
_entity.pdbx_description
1 polymer Sugarwin
2 water water
#
_entity_poly.entity_id   1
_entity_poly.type   'polypeptide(L)'
_entity_poly.pdbx_seq_one_letter_code
;ATAQQASGVRATYNYYNPTQNNWDLAGTYCATWDAGQPLSWRSKYGWTAFCGPAGPTGQAACGQCLLVTNTATGASLTVR
IVDQCSNGGLDLDYDTAFKPLDTNGAGIQAGHLTVNYQFVNCGN
;
_entity_poly.pdbx_strand_id   A,B
#
# COMPACT_ATOMS: atom_id res chain seq x y z
N ALA A 1 -5.28 -23.67 -5.67
CA ALA A 1 -5.64 -22.56 -6.54
C ALA A 1 -4.41 -21.89 -7.13
N THR A 2 -4.63 -20.90 -7.99
CA THR A 2 -3.52 -20.20 -8.61
C THR A 2 -2.93 -19.17 -7.65
N ALA A 3 -1.63 -18.94 -7.79
CA ALA A 3 -0.98 -17.89 -7.02
C ALA A 3 -1.57 -16.53 -7.42
N GLN A 4 -1.53 -15.59 -6.48
CA GLN A 4 -2.15 -14.29 -6.70
C GLN A 4 -1.38 -13.46 -7.72
N GLN A 5 -2.12 -12.58 -8.39
CA GLN A 5 -1.58 -11.74 -9.46
C GLN A 5 -2.41 -10.48 -9.62
N ALA A 6 -1.78 -9.44 -10.16
CA ALA A 6 -2.52 -8.22 -10.51
C ALA A 6 -1.92 -7.61 -11.76
N SER A 7 -2.74 -6.82 -12.46
CA SER A 7 -2.33 -6.20 -13.71
C SER A 7 -2.38 -4.69 -13.65
N GLY A 8 -1.39 -4.04 -14.25
CA GLY A 8 -1.45 -2.62 -14.41
C GLY A 8 -1.20 -1.81 -13.16
N VAL A 9 -0.30 -2.26 -12.28
CA VAL A 9 0.02 -1.45 -11.09
C VAL A 9 1.29 -0.64 -11.32
N ARG A 10 1.48 0.39 -10.51
CA ARG A 10 2.62 1.28 -10.69
C ARG A 10 3.83 0.73 -9.94
N ALA A 11 4.98 0.76 -10.58
CA ALA A 11 6.26 0.44 -9.94
C ALA A 11 7.17 1.65 -9.99
N THR A 12 7.53 2.15 -8.82
CA THR A 12 8.52 3.21 -8.69
C THR A 12 9.87 2.58 -8.45
N TYR A 13 10.90 3.40 -8.17
CA TYR A 13 12.19 2.82 -7.80
C TYR A 13 12.75 3.51 -6.56
N ASN A 14 13.56 2.73 -5.85
CA ASN A 14 14.22 3.13 -4.63
C ASN A 14 15.66 2.68 -4.73
N TYR A 15 16.59 3.45 -4.14
CA TYR A 15 17.99 3.04 -4.23
C TYR A 15 18.39 2.17 -3.03
N TYR A 16 17.92 0.92 -3.02
CA TYR A 16 18.42 -0.02 -2.00
C TYR A 16 19.90 -0.33 -2.23
N ASN A 17 20.28 -0.51 -3.49
CA ASN A 17 21.67 -0.76 -3.89
C ASN A 17 22.29 -1.94 -3.15
N PRO A 18 21.63 -3.13 -3.16
CA PRO A 18 22.18 -4.25 -2.38
C PRO A 18 23.55 -4.67 -2.84
N THR A 19 23.91 -4.44 -4.10
CA THR A 19 25.25 -4.84 -4.49
C THR A 19 26.32 -3.87 -4.01
N GLN A 20 25.97 -2.66 -3.59
CA GLN A 20 26.97 -1.80 -2.96
C GLN A 20 27.07 -2.08 -1.47
N ASN A 21 26.33 -3.08 -0.95
CA ASN A 21 26.22 -3.25 0.49
C ASN A 21 26.11 -4.72 0.90
N ASN A 22 26.74 -5.63 0.17
CA ASN A 22 26.79 -7.04 0.52
C ASN A 22 25.39 -7.65 0.67
N TRP A 23 24.42 -7.12 -0.06
CA TRP A 23 23.05 -7.64 -0.06
C TRP A 23 22.49 -7.72 1.34
N ASP A 24 22.88 -6.77 2.17
CA ASP A 24 22.51 -6.77 3.60
C ASP A 24 21.06 -6.28 3.73
N LEU A 25 20.19 -7.07 4.37
CA LEU A 25 18.80 -6.63 4.46
C LEU A 25 18.55 -5.65 5.59
N ALA A 26 19.56 -5.32 6.40
CA ALA A 26 19.34 -4.41 7.52
C ALA A 26 18.77 -3.09 7.02
N GLY A 27 17.78 -2.59 7.75
CA GLY A 27 17.10 -1.39 7.35
C GLY A 27 15.82 -1.63 6.58
N THR A 28 15.62 -2.82 6.01
CA THR A 28 14.35 -3.14 5.36
C THR A 28 13.36 -3.73 6.36
N TYR A 29 12.07 -3.68 6.01
CA TYR A 29 11.04 -4.23 6.89
C TYR A 29 11.23 -5.73 7.08
N CYS A 30 11.67 -6.44 6.04
CA CYS A 30 11.75 -7.89 6.16
C CYS A 30 12.97 -8.37 6.93
N ALA A 31 13.89 -7.47 7.28
CA ALA A 31 15.10 -7.91 8.00
C ALA A 31 14.77 -8.70 9.26
N THR A 32 13.69 -8.35 9.97
CA THR A 32 13.30 -9.07 11.17
C THR A 32 13.27 -10.59 10.98
N TRP A 33 12.80 -11.06 9.83
CA TRP A 33 12.66 -12.48 9.57
C TRP A 33 13.71 -13.03 8.62
N ASP A 34 14.27 -12.20 7.75
CA ASP A 34 15.04 -12.70 6.63
C ASP A 34 16.51 -12.28 6.62
N ALA A 35 16.94 -11.39 7.53
CA ALA A 35 18.31 -10.88 7.42
C ALA A 35 19.36 -11.98 7.61
N GLY A 36 19.02 -13.04 8.34
CA GLY A 36 19.94 -14.12 8.62
C GLY A 36 20.09 -15.13 7.50
N GLN A 37 19.37 -14.94 6.40
CA GLN A 37 19.46 -15.86 5.29
C GLN A 37 20.84 -15.78 4.65
N PRO A 38 21.31 -16.86 4.04
CA PRO A 38 22.64 -16.84 3.41
C PRO A 38 22.69 -15.90 2.22
N LEU A 39 23.91 -15.49 1.86
CA LEU A 39 24.11 -14.62 0.71
C LEU A 39 23.47 -15.19 -0.55
N SER A 40 23.53 -16.51 -0.75
CA SER A 40 22.96 -17.11 -1.96
C SER A 40 21.47 -16.84 -2.07
N TRP A 41 20.80 -16.79 -0.93
CA TRP A 41 19.38 -16.47 -0.89
C TRP A 41 19.17 -14.98 -1.05
N ARG A 42 19.90 -14.18 -0.27
CA ARG A 42 19.69 -12.74 -0.31
C ARG A 42 19.98 -12.15 -1.70
N SER A 43 20.90 -12.76 -2.45
CA SER A 43 21.31 -12.19 -3.72
C SER A 43 20.77 -12.96 -4.92
N LYS A 44 19.86 -13.91 -4.71
CA LYS A 44 19.37 -14.72 -5.83
C LYS A 44 18.62 -13.89 -6.86
N TYR A 45 17.80 -12.93 -6.38
CA TYR A 45 16.98 -12.11 -7.23
C TYR A 45 17.13 -10.64 -6.82
N GLY A 46 16.91 -9.74 -7.79
CA GLY A 46 16.80 -8.33 -7.48
C GLY A 46 15.69 -8.04 -6.49
N TRP A 47 15.78 -6.88 -5.85
CA TRP A 47 14.93 -6.59 -4.69
C TRP A 47 13.75 -5.68 -5.01
N THR A 48 12.65 -5.88 -4.29
CA THR A 48 11.54 -4.92 -4.35
C THR A 48 10.86 -4.76 -3.00
N ALA A 49 10.25 -3.59 -2.79
CA ALA A 49 9.17 -3.45 -1.82
C ALA A 49 7.84 -3.80 -2.50
N PHE A 50 6.89 -4.33 -1.72
CA PHE A 50 5.64 -4.75 -2.29
C PHE A 50 4.46 -4.23 -1.48
N CYS A 51 3.40 -3.82 -2.18
CA CYS A 51 2.14 -3.41 -1.50
C CYS A 51 1.00 -3.54 -2.50
N GLY A 52 1.02 -4.61 -3.30
CA GLY A 52 -0.01 -4.79 -4.31
C GLY A 52 -1.38 -5.16 -3.75
N PRO A 53 -2.41 -5.00 -4.57
CA PRO A 53 -3.79 -5.23 -4.11
C PRO A 53 -4.23 -6.68 -4.12
N ALA A 54 -3.41 -7.58 -4.63
CA ALA A 54 -3.68 -9.01 -4.57
C ALA A 54 -2.46 -9.74 -4.04
N GLY A 55 -2.69 -10.68 -3.13
CA GLY A 55 -1.62 -11.46 -2.55
C GLY A 55 -1.30 -11.05 -1.14
N PRO A 56 -0.50 -11.86 -0.45
CA PRO A 56 -0.07 -11.49 0.91
C PRO A 56 0.74 -10.21 0.86
N THR A 57 0.70 -9.45 1.96
CA THR A 57 1.50 -8.25 2.07
C THR A 57 2.08 -8.19 3.47
N GLY A 58 2.98 -7.22 3.69
CA GLY A 58 3.54 -7.04 5.01
C GLY A 58 4.37 -8.25 5.40
N GLN A 59 4.26 -8.61 6.68
CA GLN A 59 5.06 -9.69 7.24
C GLN A 59 4.90 -11.01 6.45
N ALA A 60 3.67 -11.37 6.09
CA ALA A 60 3.48 -12.64 5.36
C ALA A 60 4.13 -12.66 3.99
N ALA A 61 4.35 -11.49 3.38
CA ALA A 61 4.94 -11.46 2.05
C ALA A 61 6.47 -11.49 2.07
N CYS A 62 7.09 -11.27 3.21
CA CYS A 62 8.55 -11.15 3.24
C CYS A 62 9.23 -12.38 2.66
N GLY A 63 10.13 -12.17 1.71
CA GLY A 63 10.94 -13.23 1.15
C GLY A 63 10.29 -13.94 0.00
N GLN A 64 9.01 -13.66 -0.27
CA GLN A 64 8.37 -14.27 -1.42
C GLN A 64 8.89 -13.66 -2.72
N CYS A 65 8.62 -14.35 -3.83
CA CYS A 65 9.11 -13.92 -5.13
C CYS A 65 7.98 -13.60 -6.09
N LEU A 66 8.23 -12.58 -6.95
CA LEU A 66 7.26 -12.12 -7.92
C LEU A 66 7.90 -12.19 -9.30
N LEU A 67 7.12 -12.65 -10.29
CA LEU A 67 7.47 -12.44 -11.70
C LEU A 67 6.82 -11.14 -12.12
N VAL A 68 7.63 -10.14 -12.46
CA VAL A 68 7.15 -8.80 -12.76
C VAL A 68 7.33 -8.56 -14.26
N THR A 69 6.30 -8.08 -14.92
CA THR A 69 6.35 -7.81 -16.36
C THR A 69 6.16 -6.33 -16.61
N ASN A 70 7.07 -5.70 -17.38
CA ASN A 70 6.90 -4.31 -17.81
C ASN A 70 5.92 -4.28 -18.97
N THR A 71 4.70 -3.74 -18.77
CA THR A 71 3.70 -3.80 -19.82
C THR A 71 4.04 -2.93 -21.03
N ALA A 72 4.99 -1.99 -20.92
CA ALA A 72 5.37 -1.16 -22.06
C ALA A 72 6.29 -1.88 -23.02
N THR A 73 6.97 -2.94 -22.58
CA THR A 73 7.94 -3.59 -23.46
C THR A 73 7.82 -5.10 -23.50
N GLY A 74 7.23 -5.75 -22.51
CA GLY A 74 7.19 -7.22 -22.46
C GLY A 74 8.36 -7.81 -21.68
N ALA A 75 9.28 -6.97 -21.21
CA ALA A 75 10.37 -7.46 -20.37
C ALA A 75 9.82 -8.04 -19.07
N SER A 76 10.47 -9.08 -18.58
CA SER A 76 10.06 -9.63 -17.29
C SER A 76 11.27 -10.02 -16.47
N LEU A 77 11.04 -10.15 -15.15
CA LEU A 77 12.12 -10.37 -14.21
C LEU A 77 11.50 -10.93 -12.94
N THR A 78 12.20 -11.87 -12.29
CA THR A 78 11.78 -12.32 -10.97
C THR A 78 12.51 -11.51 -9.91
N VAL A 79 11.74 -11.03 -8.91
CA VAL A 79 12.31 -10.24 -7.84
C VAL A 79 11.87 -10.83 -6.50
N ARG A 80 12.62 -10.48 -5.45
CA ARG A 80 12.30 -10.93 -4.11
C ARG A 80 11.77 -9.76 -3.29
N ILE A 81 10.69 -10.01 -2.55
CA ILE A 81 10.10 -9.01 -1.67
C ILE A 81 10.97 -8.90 -0.42
N VAL A 82 11.54 -7.71 -0.20
CA VAL A 82 12.36 -7.44 0.98
C VAL A 82 11.79 -6.31 1.83
N ASP A 83 10.70 -5.69 1.39
CA ASP A 83 10.22 -4.51 2.10
C ASP A 83 8.75 -4.34 1.79
N GLN A 84 8.06 -3.51 2.58
CA GLN A 84 6.68 -3.17 2.27
C GLN A 84 6.63 -1.69 1.87
N CYS A 85 5.70 -1.35 0.99
CA CYS A 85 5.52 0.06 0.62
C CYS A 85 4.13 0.47 1.09
N SER A 86 3.84 1.78 0.92
CA SER A 86 2.65 2.39 1.51
C SER A 86 1.56 2.73 0.49
N ASN A 87 1.68 2.22 -0.73
CA ASN A 87 0.66 2.43 -1.76
CA ASN A 87 0.63 2.43 -1.72
C ASN A 87 0.08 1.07 -2.12
N GLY A 88 -0.07 0.87 -3.38
CA GLY A 88 -0.69 -0.26 -4.04
C GLY A 88 0.11 -0.77 -5.22
N GLY A 89 1.37 -0.83 -5.13
CA GLY A 89 2.19 -1.26 -6.25
C GLY A 89 3.46 -1.87 -5.79
N LEU A 90 4.56 -1.57 -6.49
CA LEU A 90 5.90 -2.03 -6.14
C LEU A 90 6.82 -0.85 -6.05
N ASP A 91 7.83 -0.92 -5.18
CA ASP A 91 8.96 0.03 -5.18
C ASP A 91 10.20 -0.81 -5.45
N LEU A 92 10.58 -0.86 -6.75
CA LEU A 92 11.65 -1.74 -7.19
C LEU A 92 12.99 -1.14 -6.80
N ASP A 93 13.95 -1.98 -6.40
CA ASP A 93 15.32 -1.48 -6.36
C ASP A 93 15.70 -1.00 -7.75
N TYR A 94 16.32 0.18 -7.83
CA TYR A 94 16.67 0.70 -9.14
C TYR A 94 17.68 -0.21 -9.83
N ASP A 95 18.83 -0.44 -9.17
CA ASP A 95 19.95 -1.09 -9.85
C ASP A 95 19.61 -2.52 -10.26
N THR A 96 18.90 -3.28 -9.39
CA THR A 96 18.75 -4.72 -9.58
C THR A 96 17.37 -5.11 -10.13
N ALA A 97 16.47 -4.14 -10.34
CA ALA A 97 15.12 -4.54 -10.76
C ALA A 97 14.53 -3.53 -11.71
N PHE A 98 14.48 -2.23 -11.34
CA PHE A 98 13.84 -1.25 -12.24
C PHE A 98 14.64 -1.09 -13.53
N LYS A 99 15.95 -0.87 -13.40
CA LYS A 99 16.81 -0.72 -14.59
C LYS A 99 16.75 -1.94 -15.54
N PRO A 100 16.86 -3.19 -15.07
CA PRO A 100 16.77 -4.31 -16.02
C PRO A 100 15.38 -4.45 -16.64
N LEU A 101 14.31 -4.02 -15.94
CA LEU A 101 12.98 -4.11 -16.54
C LEU A 101 12.71 -2.98 -17.53
N ASP A 102 13.44 -1.86 -17.39
CA ASP A 102 13.14 -0.64 -18.18
C ASP A 102 13.87 -0.68 -19.52
N THR A 103 13.50 -1.66 -20.36
CA THR A 103 14.37 -2.00 -21.47
C THR A 103 14.34 -1.01 -22.62
N ASN A 104 13.36 -0.11 -22.68
CA ASN A 104 13.40 0.98 -23.64
C ASN A 104 13.70 2.32 -23.00
N GLY A 105 14.06 2.33 -21.73
CA GLY A 105 14.40 3.57 -21.02
C GLY A 105 13.26 4.52 -20.71
N ALA A 106 12.01 4.18 -21.05
CA ALA A 106 10.92 5.14 -20.82
C ALA A 106 10.60 5.28 -19.34
N GLY A 107 10.89 4.24 -18.57
CA GLY A 107 10.52 4.26 -17.16
C GLY A 107 11.27 5.31 -16.36
N ILE A 108 12.57 5.47 -16.61
CA ILE A 108 13.27 6.49 -15.83
C ILE A 108 12.88 7.89 -16.29
N GLN A 109 12.39 8.05 -17.52
CA GLN A 109 11.90 9.36 -17.91
C GLN A 109 10.59 9.67 -17.22
N ALA A 110 9.71 8.68 -17.06
CA ALA A 110 8.44 8.93 -16.40
C ALA A 110 8.52 8.90 -14.89
N GLY A 111 9.56 8.25 -14.33
CA GLY A 111 9.63 8.05 -12.89
C GLY A 111 8.96 6.77 -12.40
N HIS A 112 8.38 5.96 -13.29
CA HIS A 112 7.75 4.70 -12.88
C HIS A 112 7.61 3.84 -14.11
N LEU A 113 7.29 2.57 -13.84
CA LEU A 113 6.81 1.62 -14.84
C LEU A 113 5.37 1.27 -14.51
N THR A 114 4.63 0.76 -15.50
CA THR A 114 3.38 0.07 -15.26
C THR A 114 3.66 -1.42 -15.46
N VAL A 115 3.35 -2.21 -14.42
CA VAL A 115 3.74 -3.62 -14.44
C VAL A 115 2.55 -4.51 -14.12
N ASN A 116 2.68 -5.76 -14.54
CA ASN A 116 1.90 -6.83 -13.97
C ASN A 116 2.79 -7.63 -13.02
N TYR A 117 2.19 -8.32 -12.07
CA TYR A 117 3.00 -9.23 -11.24
C TYR A 117 2.21 -10.49 -10.94
N GLN A 118 2.96 -11.56 -10.67
CA GLN A 118 2.38 -12.80 -10.17
C GLN A 118 3.33 -13.40 -9.15
N PHE A 119 2.79 -13.90 -8.04
CA PHE A 119 3.64 -14.65 -7.11
C PHE A 119 4.12 -15.92 -7.75
N VAL A 120 5.40 -16.24 -7.56
CA VAL A 120 5.98 -17.47 -8.13
C VAL A 120 6.85 -18.17 -7.09
N ASN A 121 7.11 -19.45 -7.35
CA ASN A 121 7.99 -20.23 -6.47
C ASN A 121 9.40 -19.67 -6.57
N CYS A 122 9.99 -19.34 -5.42
CA CYS A 122 11.36 -18.81 -5.42
C CYS A 122 12.41 -19.83 -5.81
N GLY A 123 12.11 -21.11 -5.67
CA GLY A 123 13.10 -22.14 -5.92
C GLY A 123 14.26 -22.12 -4.95
N ASN A 124 14.02 -21.73 -3.71
CA ASN A 124 15.10 -21.61 -2.73
C ASN A 124 15.65 -22.95 -2.26
N ALA B 1 -3.40 19.64 -11.12
CA ALA B 1 -4.25 20.67 -10.54
C ALA B 1 -5.23 20.09 -9.52
N THR B 2 -5.93 19.03 -9.89
CA THR B 2 -6.95 18.46 -9.03
C THR B 2 -6.33 17.58 -7.94
N ALA B 3 -7.01 17.53 -6.80
CA ALA B 3 -6.66 16.57 -5.75
C ALA B 3 -6.63 15.15 -6.30
N GLN B 4 -5.74 14.34 -5.74
CA GLN B 4 -5.60 12.96 -6.23
C GLN B 4 -6.82 12.10 -5.89
N GLN B 5 -7.15 11.18 -6.81
CA GLN B 5 -8.36 10.39 -6.67
C GLN B 5 -8.17 9.03 -7.32
N ALA B 6 -8.92 8.05 -6.85
CA ALA B 6 -8.90 6.75 -7.49
C ALA B 6 -10.28 6.13 -7.41
N SER B 7 -10.57 5.22 -8.37
CA SER B 7 -11.86 4.59 -8.45
C SER B 7 -11.71 3.08 -8.37
N GLY B 8 -12.71 2.44 -7.75
CA GLY B 8 -12.74 1.00 -7.78
C GLY B 8 -11.74 0.37 -6.83
N VAL B 9 -11.48 1.00 -5.71
CA VAL B 9 -10.51 0.57 -4.70
CA VAL B 9 -10.49 0.49 -4.76
C VAL B 9 -11.20 -0.30 -3.67
N ARG B 10 -10.51 -1.32 -3.14
CA ARG B 10 -11.10 -2.15 -2.09
C ARG B 10 -10.94 -1.51 -0.71
N ALA B 11 -12.04 -1.43 0.03
CA ALA B 11 -12.02 -0.98 1.42
C ALA B 11 -12.45 -2.10 2.34
N THR B 12 -11.54 -2.50 3.23
CA THR B 12 -11.87 -3.46 4.26
C THR B 12 -12.20 -2.70 5.54
N TYR B 13 -12.46 -3.45 6.63
CA TYR B 13 -12.66 -2.78 7.92
C TYR B 13 -11.79 -3.36 9.03
N ASN B 14 -11.48 -2.47 9.98
CA ASN B 14 -10.65 -2.76 11.14
C ASN B 14 -11.40 -2.18 12.33
N TYR B 15 -11.28 -2.83 13.50
CA TYR B 15 -11.98 -2.33 14.70
C TYR B 15 -11.09 -1.38 15.50
N TYR B 16 -10.88 -0.18 14.96
CA TYR B 16 -10.20 0.83 15.78
C TYR B 16 -11.07 1.26 16.96
N ASN B 17 -12.38 1.42 16.75
CA ASN B 17 -13.32 1.82 17.79
C ASN B 17 -12.84 3.06 18.57
N PRO B 18 -12.51 4.15 17.86
CA PRO B 18 -11.95 5.33 18.55
C PRO B 18 -12.88 5.94 19.59
N THR B 19 -14.19 5.87 19.36
CA THR B 19 -15.04 6.55 20.33
C THR B 19 -15.16 5.80 21.65
N GLN B 20 -14.73 4.53 21.70
CA GLN B 20 -14.60 3.82 22.98
C GLN B 20 -13.23 3.97 23.62
N ASN B 21 -12.33 4.75 23.03
CA ASN B 21 -10.99 4.94 23.56
C ASN B 21 -10.55 6.40 23.45
N ASN B 22 -11.47 7.34 23.68
CA ASN B 22 -11.15 8.77 23.72
C ASN B 22 -10.49 9.27 22.45
N TRP B 23 -10.74 8.58 21.33
CA TRP B 23 -10.17 8.97 20.04
C TRP B 23 -8.64 9.09 20.12
N ASP B 24 -8.04 8.22 20.92
CA ASP B 24 -6.60 8.22 21.16
C ASP B 24 -5.89 7.63 19.94
N LEU B 25 -4.97 8.40 19.38
CA LEU B 25 -4.20 7.92 18.23
C LEU B 25 -3.04 7.00 18.61
N ALA B 26 -2.77 6.76 19.89
CA ALA B 26 -1.65 5.90 20.25
C ALA B 26 -1.77 4.53 19.58
N GLY B 27 -0.66 4.06 19.04
CA GLY B 27 -0.66 2.79 18.38
C GLY B 27 -0.76 2.87 16.88
N THR B 28 -1.25 4.00 16.34
CA THR B 28 -1.33 4.16 14.89
C THR B 28 -0.01 4.73 14.34
N TYR B 29 0.18 4.52 13.05
CA TYR B 29 1.38 5.07 12.41
C TYR B 29 1.44 6.59 12.53
N CYS B 30 0.29 7.26 12.46
CA CYS B 30 0.33 8.72 12.42
C CYS B 30 0.48 9.36 13.78
N ALA B 31 0.43 8.56 14.86
CA ALA B 31 0.57 9.12 16.20
C ALA B 31 1.84 9.95 16.31
N THR B 32 2.92 9.52 15.64
CA THR B 32 4.20 10.20 15.76
C THR B 32 4.09 11.70 15.53
N TRP B 33 3.21 12.10 14.62
CA TRP B 33 3.02 13.51 14.28
C TRP B 33 1.69 14.09 14.73
N ASP B 34 0.65 13.26 14.92
CA ASP B 34 -0.72 13.74 15.12
C ASP B 34 -1.35 13.43 16.48
N ALA B 35 -0.70 12.63 17.33
CA ALA B 35 -1.35 12.19 18.57
C ALA B 35 -1.68 13.35 19.50
N GLY B 36 -0.90 14.44 19.44
CA GLY B 36 -1.16 15.60 20.29
C GLY B 36 -2.17 16.58 19.78
N GLN B 37 -2.83 16.31 18.66
CA GLN B 37 -3.89 17.17 18.20
C GLN B 37 -5.05 17.16 19.19
N PRO B 38 -5.84 18.23 19.25
CA PRO B 38 -6.95 18.27 20.19
C PRO B 38 -8.07 17.31 19.80
N LEU B 39 -8.94 17.06 20.79
CA LEU B 39 -10.04 16.11 20.63
C LEU B 39 -10.96 16.52 19.48
N SER B 40 -11.16 17.83 19.29
CA SER B 40 -12.02 18.31 18.21
C SER B 40 -11.48 17.92 16.85
N TRP B 41 -10.16 17.83 16.73
CA TRP B 41 -9.50 17.40 15.50
C TRP B 41 -9.53 15.89 15.37
N ARG B 42 -9.13 15.20 16.43
CA ARG B 42 -9.06 13.73 16.37
C ARG B 42 -10.42 13.08 16.15
N SER B 43 -11.50 13.67 16.65
CA SER B 43 -12.83 13.08 16.54
C SER B 43 -13.70 13.72 15.48
N LYS B 44 -13.14 14.61 14.63
CA LYS B 44 -13.96 15.31 13.64
C LYS B 44 -14.58 14.35 12.65
N TYR B 45 -13.78 13.38 12.17
CA TYR B 45 -14.18 12.44 11.14
C TYR B 45 -13.83 11.02 11.55
N GLY B 46 -14.61 10.07 11.05
CA GLY B 46 -14.24 8.66 11.22
C GLY B 46 -12.87 8.36 10.64
N TRP B 47 -12.29 7.26 11.11
CA TRP B 47 -10.89 6.96 10.85
C TRP B 47 -10.69 5.94 9.75
N THR B 48 -9.54 6.05 9.05
CA THR B 48 -9.13 5.02 8.11
C THR B 48 -7.61 4.87 8.10
N ALA B 49 -7.19 3.67 7.73
CA ALA B 49 -5.82 3.49 7.22
C ALA B 49 -5.86 3.67 5.72
N PHE B 50 -4.76 4.19 5.14
CA PHE B 50 -4.76 4.49 3.72
C PHE B 50 -3.50 3.99 3.05
N CYS B 51 -3.66 3.39 1.87
CA CYS B 51 -2.53 2.98 1.05
C CYS B 51 -3.01 2.91 -0.38
N GLY B 52 -3.77 3.90 -0.80
CA GLY B 52 -4.28 3.91 -2.15
C GLY B 52 -3.25 4.21 -3.24
N PRO B 53 -3.61 3.92 -4.50
CA PRO B 53 -2.68 4.07 -5.63
C PRO B 53 -2.52 5.48 -6.17
N ALA B 54 -3.28 6.42 -5.66
CA ALA B 54 -3.20 7.81 -6.10
C ALA B 54 -3.18 8.68 -4.86
N GLY B 55 -2.24 9.66 -4.84
CA GLY B 55 -2.19 10.58 -3.72
C GLY B 55 -1.03 10.33 -2.80
N PRO B 56 -0.75 11.26 -1.90
CA PRO B 56 0.35 11.06 -0.96
C PRO B 56 0.06 9.85 -0.09
N THR B 57 1.11 9.17 0.32
CA THR B 57 0.98 8.08 1.28
C THR B 57 2.03 8.23 2.36
N GLY B 58 1.94 7.36 3.37
CA GLY B 58 2.90 7.42 4.45
C GLY B 58 2.76 8.70 5.24
N GLN B 59 3.91 9.26 5.66
CA GLN B 59 3.88 10.38 6.61
C GLN B 59 3.08 11.58 6.05
N ALA B 60 3.30 11.91 4.76
CA ALA B 60 2.58 13.05 4.16
C ALA B 60 1.07 12.87 4.20
N ALA B 61 0.58 11.64 4.18
CA ALA B 61 -0.87 11.42 4.17
C ALA B 61 -1.45 11.51 5.58
N CYS B 62 -0.64 11.44 6.63
CA CYS B 62 -1.18 11.46 7.99
C CYS B 62 -2.00 12.71 8.26
N GLY B 63 -3.20 12.50 8.77
CA GLY B 63 -4.09 13.58 9.14
C GLY B 63 -4.86 14.17 8.00
N GLN B 64 -4.55 13.79 6.75
CA GLN B 64 -5.32 14.27 5.64
C GLN B 64 -6.69 13.62 5.62
N CYS B 65 -7.59 14.21 4.84
CA CYS B 65 -8.97 13.71 4.75
C CYS B 65 -9.28 13.23 3.34
N LEU B 66 -10.17 12.22 3.30
CA LEU B 66 -10.66 11.64 2.06
C LEU B 66 -12.17 11.72 2.03
N LEU B 67 -12.72 12.00 0.86
CA LEU B 67 -14.14 11.77 0.62
C LEU B 67 -14.25 10.40 -0.02
N VAL B 68 -14.91 9.48 0.67
CA VAL B 68 -15.01 8.08 0.24
C VAL B 68 -16.45 7.81 -0.17
N THR B 69 -16.62 7.20 -1.34
CA THR B 69 -17.96 6.90 -1.86
C THR B 69 -18.08 5.41 -2.05
N ASN B 70 -19.12 4.82 -1.46
CA ASN B 70 -19.46 3.40 -1.70
C ASN B 70 -20.19 3.30 -3.03
N THR B 71 -19.54 2.75 -4.07
CA THR B 71 -20.21 2.82 -5.36
C THR B 71 -21.39 1.84 -5.52
N ALA B 72 -21.65 0.99 -4.51
CA ALA B 72 -22.85 0.17 -4.57
C ALA B 72 -24.09 0.96 -4.25
N THR B 73 -23.96 2.07 -3.51
CA THR B 73 -25.16 2.78 -3.04
C THR B 73 -25.07 4.28 -3.21
N GLY B 74 -23.90 4.83 -3.52
CA GLY B 74 -23.74 6.28 -3.57
C GLY B 74 -23.42 6.94 -2.25
N ALA B 75 -23.52 6.21 -1.13
CA ALA B 75 -23.21 6.83 0.15
C ALA B 75 -21.80 7.38 0.18
N SER B 76 -21.65 8.59 0.73
CA SER B 76 -20.33 9.24 0.74
C SER B 76 -20.05 9.78 2.14
N LEU B 77 -18.77 9.77 2.55
CA LEU B 77 -18.41 10.12 3.91
C LEU B 77 -17.00 10.69 3.88
N THR B 78 -16.74 11.72 4.69
CA THR B 78 -15.36 12.19 4.88
C THR B 78 -14.71 11.42 6.01
N VAL B 79 -13.49 10.93 5.78
CA VAL B 79 -12.73 10.21 6.81
C VAL B 79 -11.35 10.87 6.93
N ARG B 80 -10.73 10.64 8.09
CA ARG B 80 -9.36 11.12 8.34
C ARG B 80 -8.41 9.94 8.32
N ILE B 81 -7.26 10.15 7.65
CA ILE B 81 -6.21 9.14 7.61
C ILE B 81 -5.42 9.17 8.92
N VAL B 82 -5.39 8.02 9.60
CA VAL B 82 -4.67 7.88 10.86
C VAL B 82 -3.63 6.79 10.81
N ASP B 83 -3.58 6.02 9.72
CA ASP B 83 -2.70 4.86 9.65
C ASP B 83 -2.32 4.60 8.21
N GLN B 84 -1.25 3.80 8.00
CA GLN B 84 -0.96 3.41 6.63
C GLN B 84 -1.29 1.92 6.54
N CYS B 85 -1.17 1.42 5.33
CA CYS B 85 -1.31 -0.01 5.08
C CYS B 85 -0.41 -0.33 3.90
N SER B 86 -0.44 -1.62 3.48
CA SER B 86 0.48 -2.03 2.46
C SER B 86 -0.18 -2.97 1.44
N ASN B 87 -1.43 -2.62 0.98
CA ASN B 87 -2.17 -3.46 0.03
C ASN B 87 -3.11 -2.70 -0.91
N GLY B 88 -2.81 -1.44 -1.18
CA GLY B 88 -3.45 -0.72 -2.23
C GLY B 88 -4.86 -0.26 -2.01
N GLY B 89 -5.33 -0.17 -0.82
CA GLY B 89 -6.70 0.27 -0.61
C GLY B 89 -6.89 1.07 0.65
N LEU B 90 -8.08 0.92 1.28
CA LEU B 90 -8.40 1.57 2.55
C LEU B 90 -8.72 0.49 3.56
N ASP B 91 -8.31 0.68 4.83
CA ASP B 91 -8.80 -0.17 5.92
C ASP B 91 -9.59 0.78 6.84
N LEU B 92 -10.90 0.82 6.62
CA LEU B 92 -11.78 1.77 7.31
C LEU B 92 -12.07 1.32 8.73
N ASP B 93 -12.13 2.25 9.68
CA ASP B 93 -12.70 1.85 10.98
C ASP B 93 -14.14 1.36 10.77
N TYR B 94 -14.48 0.23 11.39
CA TYR B 94 -15.84 -0.31 11.16
C TYR B 94 -16.90 0.67 11.66
N ASP B 95 -16.86 0.99 12.95
CA ASP B 95 -17.96 1.76 13.53
C ASP B 95 -18.11 3.16 12.95
N THR B 96 -17.00 3.87 12.70
CA THR B 96 -17.08 5.27 12.31
C THR B 96 -16.94 5.49 10.82
N ALA B 97 -16.75 4.43 10.00
CA ALA B 97 -16.56 4.68 8.57
C ALA B 97 -17.17 3.59 7.70
N PHE B 98 -16.81 2.31 7.92
CA PHE B 98 -17.38 1.27 7.06
C PHE B 98 -18.88 1.14 7.27
N LYS B 99 -19.32 1.06 8.52
CA LYS B 99 -20.76 0.90 8.80
C LYS B 99 -21.59 2.04 8.22
N PRO B 100 -21.25 3.33 8.40
CA PRO B 100 -22.09 4.37 7.79
C PRO B 100 -22.03 4.36 6.28
N LEU B 101 -20.97 3.81 5.67
CA LEU B 101 -20.92 3.73 4.22
C LEU B 101 -21.69 2.54 3.68
N ASP B 102 -21.81 1.47 4.48
CA ASP B 102 -22.38 0.19 4.03
C ASP B 102 -23.91 0.21 4.18
N THR B 103 -24.55 1.10 3.42
CA THR B 103 -25.91 1.46 3.75
C THR B 103 -26.92 0.38 3.43
N ASN B 104 -26.57 -0.62 2.61
CA ASN B 104 -27.44 -1.75 2.36
C ASN B 104 -26.93 -3.05 2.95
N GLY B 105 -25.86 -3.00 3.76
CA GLY B 105 -25.36 -4.21 4.44
C GLY B 105 -24.60 -5.18 3.55
N ALA B 106 -24.40 -4.84 2.26
CA ALA B 106 -23.72 -5.83 1.41
C ALA B 106 -22.23 -5.91 1.74
N GLY B 107 -21.67 -4.82 2.26
CA GLY B 107 -20.24 -4.82 2.54
C GLY B 107 -19.86 -5.84 3.60
N ILE B 108 -20.65 -5.94 4.66
CA ILE B 108 -20.28 -6.93 5.67
C ILE B 108 -20.54 -8.35 5.19
N GLN B 109 -21.46 -8.56 4.25
CA GLN B 109 -21.57 -9.90 3.69
C GLN B 109 -20.35 -10.26 2.87
N ALA B 110 -19.78 -9.29 2.13
CA ALA B 110 -18.64 -9.55 1.28
C ALA B 110 -17.31 -9.47 2.03
N GLY B 111 -17.27 -8.75 3.13
CA GLY B 111 -16.01 -8.45 3.81
C GLY B 111 -15.31 -7.21 3.32
N HIS B 112 -15.87 -6.51 2.36
CA HIS B 112 -15.26 -5.28 1.85
C HIS B 112 -16.33 -4.49 1.11
N LEU B 113 -16.00 -3.23 0.88
CA LEU B 113 -16.70 -2.35 -0.07
C LEU B 113 -15.80 -2.11 -1.27
N THR B 114 -16.38 -1.73 -2.39
CA THR B 114 -15.64 -1.14 -3.48
C THR B 114 -15.95 0.36 -3.45
N VAL B 115 -14.91 1.20 -3.38
CA VAL B 115 -15.13 2.63 -3.18
C VAL B 115 -14.37 3.43 -4.19
N ASN B 116 -14.78 4.70 -4.33
CA ASN B 116 -13.94 5.73 -4.94
C ASN B 116 -13.49 6.62 -3.81
N TYR B 117 -12.33 7.26 -3.98
CA TYR B 117 -11.93 8.26 -2.98
C TYR B 117 -11.29 9.45 -3.68
N GLN B 118 -11.33 10.58 -3.01
CA GLN B 118 -10.57 11.76 -3.42
C GLN B 118 -10.05 12.44 -2.15
N PHE B 119 -8.80 12.92 -2.21
CA PHE B 119 -8.32 13.77 -1.11
C PHE B 119 -9.13 15.05 -1.07
N VAL B 120 -9.49 15.47 0.15
CA VAL B 120 -10.31 16.68 0.32
C VAL B 120 -9.83 17.51 1.49
N ASN B 121 -10.27 18.76 1.47
CA ASN B 121 -10.04 19.71 2.53
C ASN B 121 -10.62 19.16 3.81
N CYS B 122 -9.85 19.17 4.89
CA CYS B 122 -10.37 18.71 6.19
C CYS B 122 -11.17 19.78 6.89
N GLY B 123 -10.96 21.06 6.56
CA GLY B 123 -11.67 22.10 7.27
C GLY B 123 -11.14 22.33 8.66
N ASN B 124 -9.87 22.02 8.88
CA ASN B 124 -9.27 22.16 10.19
C ASN B 124 -8.89 23.60 10.55
#